data_4NLD
#
_entry.id   4NLD
#
_cell.length_a   73.000
_cell.length_b   120.600
_cell.length_c   201.500
_cell.angle_alpha   90.000
_cell.angle_beta   90.000
_cell.angle_gamma   90.000
#
_symmetry.space_group_name_H-M   'I 2 2 2'
#
loop_
_entity.id
_entity.type
_entity.pdbx_description
1 polymer 'RNA-directed RNA polymerase'
2 non-polymer (1aR,12bS)-8-cyclohexyl-N-(dimethylsulfamoyl)-11-methoxy-1a-{[(1R,5S)-3-methyl-3,8-diazabicyclo[3.2.1]oct-8-yl]carbonyl}-1,1a,2,12b-tetrahydrocyclopropa[d]indolo[2,1-a][2]benzazepine-5-carboxamide
3 non-polymer 2-(4-fluorophenyl)-N-methyl-6-[(methylsulfonyl)amino]-5-(propan-2-yloxy)-1-benzofuran-3-carboxamide
4 non-polymer 'SULFATE ION'
5 non-polymer 'octyl beta-D-glucopyranoside'
6 water water
#
_entity_poly.entity_id   1
_entity_poly.type   'polypeptide(L)'
_entity_poly.pdbx_seq_one_letter_code
;MSMSYTWTGALITPCAAEETKLPINALSNSLLRHHNLVYATTSRSASLRQKKVTFDRLQVLDDHYRDVLKEMKAKASTVK
AKLLSVEEACKLTPPHSARSKFGYGAKDVRNLSSKAVNHIRSVWKDLLEDTETPIDTTIMAKNEVFCVQPEKGGRKPARL
IVFPDLGVRVCEKMALYDVVSTLPQAVMGSSYGFQYSPGQRVEFLVNAWKAKKCPMGFAYDTRCFDSTVTENDIRVEESI
YQCCDLAPEARQAIRSLTERLYIGGPLTNSKGQNCGYRRCRASGVLTTSCGNTLTCYLKAAAACRAAKLQDCTMLVCGDD
LVVICESAGTQEDEASLRAFTEAMTRYSAPPGDPPKPEYDLELITSCSSNVSVAHDASGKRVYYLTRDPTTPLARAAWET
ARHTPVNSWLGNIIMYAPTLWARMILMTHFFSILLAQEQLEKALDCQIYGACYSIEPLDLPQIIQRLHGLSAFSLHSYSP
GEINRVASCLRKLGVPPLRVWRHRARSVRARLLSQGGRAATCGKYLFNWAVRTKLKLTPIPAASQLDLSSWFVAGYSGGD
IYHSLSRARPRWFM
;
_entity_poly.pdbx_strand_id   A
#
loop_
_chem_comp.id
_chem_comp.type
_chem_comp.name
_chem_comp.formula
2N5 non-polymer 2-(4-fluorophenyl)-N-methyl-6-[(methylsulfonyl)amino]-5-(propan-2-yloxy)-1-benzofuran-3-carboxamide 'C20 H21 F N2 O5 S'
2N7 non-polymer (1aR,12bS)-8-cyclohexyl-N-(dimethylsulfamoyl)-11-methoxy-1a-{[(1R,5S)-3-methyl-3,8-diazabicyclo[3.2.1]oct-8-yl]carbonyl}-1,1a,2,12b-tetrahydrocyclopropa[d]indolo[2,1-a][2]benzazepine-5-carboxamide 'C36 H45 N5 O5 S'
BOG D-saccharide 'octyl beta-D-glucopyranoside' 'C14 H28 O6'
SO4 non-polymer 'SULFATE ION' 'O4 S -2'
#
# COMPACT_ATOMS: atom_id res chain seq x y z
N PHE A 55 15.38 -6.96 27.30
CA PHE A 55 16.52 -6.20 26.80
C PHE A 55 16.14 -5.20 25.68
N ASP A 56 14.84 -5.16 25.30
CA ASP A 56 14.21 -4.33 24.25
C ASP A 56 15.04 -4.31 22.95
N ARG A 57 15.43 -3.12 22.43
CA ARG A 57 16.20 -3.02 21.18
C ARG A 57 17.75 -3.01 21.42
N LEU A 58 18.41 -4.10 21.00
CA LEU A 58 19.88 -4.30 21.04
C LEU A 58 20.27 -4.69 19.61
N GLN A 59 21.06 -3.84 18.97
CA GLN A 59 21.44 -3.98 17.58
C GLN A 59 22.92 -4.30 17.41
N VAL A 60 23.23 -5.40 16.69
CA VAL A 60 24.58 -5.90 16.41
C VAL A 60 24.79 -5.90 14.90
N LEU A 61 25.72 -5.05 14.40
CA LEU A 61 25.98 -4.91 12.96
C LEU A 61 27.28 -5.59 12.51
N ASP A 62 27.19 -6.44 11.46
CA ASP A 62 28.32 -7.22 10.95
C ASP A 62 28.77 -6.77 9.54
N ASP A 63 29.74 -7.51 8.95
CA ASP A 63 30.30 -7.21 7.64
C ASP A 63 29.29 -7.27 6.53
N HIS A 64 28.36 -8.27 6.57
CA HIS A 64 27.28 -8.41 5.56
C HIS A 64 26.44 -7.15 5.52
N TYR A 65 26.03 -6.63 6.70
CA TYR A 65 25.24 -5.41 6.84
C TYR A 65 26.00 -4.23 6.22
N ARG A 66 27.29 -4.09 6.57
CA ARG A 66 28.16 -3.02 6.07
C ARG A 66 28.35 -3.07 4.57
N ASP A 67 28.55 -4.27 4.01
CA ASP A 67 28.74 -4.48 2.56
C ASP A 67 27.50 -4.05 1.80
N VAL A 68 26.30 -4.51 2.23
CA VAL A 68 25.00 -4.16 1.62
C VAL A 68 24.77 -2.62 1.67
N LEU A 69 25.04 -1.98 2.84
CA LEU A 69 24.93 -0.53 3.01
C LEU A 69 25.82 0.26 2.02
N LYS A 70 27.07 -0.20 1.77
CA LYS A 70 27.98 0.44 0.80
C LYS A 70 27.40 0.37 -0.59
N GLU A 71 26.85 -0.82 -0.97
CA GLU A 71 26.23 -1.04 -2.27
C GLU A 71 25.01 -0.09 -2.43
N MET A 72 24.22 0.05 -1.35
CA MET A 72 23.05 0.92 -1.33
C MET A 72 23.46 2.39 -1.49
N LYS A 73 24.51 2.81 -0.75
CA LYS A 73 25.03 4.19 -0.82
C LYS A 73 25.60 4.49 -2.22
N ALA A 74 26.32 3.50 -2.83
CA ALA A 74 26.86 3.60 -4.19
C ALA A 74 25.74 3.81 -5.21
N LYS A 75 24.56 3.14 -5.03
CA LYS A 75 23.42 3.34 -5.93
C LYS A 75 22.74 4.66 -5.63
N ALA A 76 22.63 5.02 -4.34
CA ALA A 76 22.01 6.27 -3.89
C ALA A 76 22.73 7.47 -4.49
N SER A 77 24.06 7.35 -4.69
CA SER A 77 24.90 8.42 -5.24
C SER A 77 24.54 8.80 -6.69
N THR A 78 23.89 7.88 -7.43
CA THR A 78 23.46 8.13 -8.81
C THR A 78 22.16 8.94 -8.88
N VAL A 79 21.51 9.19 -7.74
CA VAL A 79 20.24 9.93 -7.67
C VAL A 79 20.50 11.43 -7.53
N LYS A 80 19.89 12.20 -8.41
CA LYS A 80 19.92 13.65 -8.33
C LYS A 80 18.52 14.03 -7.94
N ALA A 81 18.36 14.63 -6.75
CA ALA A 81 17.04 15.02 -6.26
C ALA A 81 16.93 16.52 -6.21
N LYS A 82 15.72 17.05 -6.48
CA LYS A 82 15.51 18.48 -6.47
C LYS A 82 14.77 18.96 -5.24
N LEU A 83 15.16 20.15 -4.77
CA LEU A 83 14.62 20.85 -3.63
C LEU A 83 13.38 21.57 -4.14
N LEU A 84 12.23 21.26 -3.55
CA LEU A 84 10.96 21.84 -3.97
C LEU A 84 10.81 23.22 -3.39
N SER A 85 10.15 24.12 -4.13
CA SER A 85 9.89 25.47 -3.65
C SER A 85 8.70 25.39 -2.70
N VAL A 86 8.43 26.50 -1.96
CA VAL A 86 7.28 26.59 -1.05
C VAL A 86 5.99 26.28 -1.82
N GLU A 87 5.83 26.87 -3.01
CA GLU A 87 4.67 26.67 -3.90
C GLU A 87 4.48 25.22 -4.31
N GLU A 88 5.57 24.55 -4.75
CA GLU A 88 5.53 23.14 -5.17
C GLU A 88 5.09 22.25 -4.02
N ALA A 89 5.67 22.47 -2.82
CA ALA A 89 5.36 21.71 -1.62
C ALA A 89 3.96 21.97 -1.10
N CYS A 90 3.48 23.23 -1.19
CA CYS A 90 2.15 23.62 -0.75
C CYS A 90 1.09 22.86 -1.53
N LYS A 91 1.26 22.75 -2.86
CA LYS A 91 0.31 22.05 -3.73
C LYS A 91 0.20 20.54 -3.42
N LEU A 92 1.24 19.95 -2.79
CA LEU A 92 1.26 18.53 -2.41
C LEU A 92 0.60 18.26 -1.06
N THR A 93 0.10 19.31 -0.39
CA THR A 93 -0.58 19.19 0.90
C THR A 93 -1.98 18.62 0.65
N PRO A 94 -2.34 17.51 1.35
CA PRO A 94 -3.70 16.96 1.18
C PRO A 94 -4.77 17.93 1.71
N PRO A 95 -5.97 18.02 1.06
CA PRO A 95 -6.99 18.98 1.54
C PRO A 95 -7.44 18.81 2.99
N HIS A 96 -7.42 17.57 3.50
CA HIS A 96 -7.81 17.26 4.88
C HIS A 96 -6.60 17.05 5.80
N SER A 97 -5.50 17.79 5.52
CA SER A 97 -4.28 17.75 6.33
C SER A 97 -4.55 18.60 7.59
N ALA A 98 -4.13 18.11 8.77
CA ALA A 98 -4.34 18.76 10.06
C ALA A 98 -3.86 20.22 10.13
N ARG A 99 -4.65 21.07 10.80
CA ARG A 99 -4.44 22.50 11.01
C ARG A 99 -3.14 22.81 11.75
N SER A 100 -2.52 23.96 11.45
CA SER A 100 -1.31 24.43 12.16
C SER A 100 -1.77 25.13 13.42
N LYS A 101 -0.93 25.10 14.46
CA LYS A 101 -1.23 25.80 15.70
C LYS A 101 -0.91 27.31 15.55
N PHE A 102 -0.50 27.74 14.34
CA PHE A 102 -0.08 29.10 14.06
C PHE A 102 -1.09 29.92 13.20
N GLY A 103 -2.38 29.61 13.29
CA GLY A 103 -3.44 30.37 12.63
C GLY A 103 -3.74 30.16 11.16
N TYR A 104 -3.43 28.98 10.62
CA TYR A 104 -3.71 28.57 9.22
C TYR A 104 -3.84 27.05 9.19
N GLY A 105 -4.40 26.45 8.15
CA GLY A 105 -4.50 24.99 8.18
C GLY A 105 -5.25 24.27 7.09
N ALA A 106 -4.50 23.82 6.04
CA ALA A 106 -4.95 23.18 4.79
C ALA A 106 -5.84 24.20 4.08
N LYS A 107 -5.98 24.13 2.75
CA LYS A 107 -6.74 25.12 1.97
C LYS A 107 -5.90 26.42 1.88
N ASP A 108 -5.55 27.06 3.03
CA ASP A 108 -4.72 28.28 3.14
C ASP A 108 -3.33 28.01 2.54
N VAL A 109 -2.71 26.89 2.96
CA VAL A 109 -1.41 26.44 2.47
C VAL A 109 -1.58 25.95 1.02
N ARG A 110 -2.58 25.07 0.80
CA ARG A 110 -2.94 24.42 -0.45
C ARG A 110 -3.09 25.41 -1.63
N ASN A 111 -3.83 26.51 -1.45
CA ASN A 111 -4.01 27.49 -2.54
C ASN A 111 -3.24 28.81 -2.26
N LEU A 112 -2.13 28.72 -1.50
CA LEU A 112 -1.19 29.80 -1.16
C LEU A 112 -1.83 30.98 -0.41
N SER A 113 -1.25 31.32 0.74
CA SER A 113 -1.70 32.43 1.59
C SER A 113 -0.49 33.10 2.22
N SER A 114 -0.52 34.44 2.32
CA SER A 114 0.54 35.28 2.91
C SER A 114 0.98 34.76 4.29
N LYS A 115 -0.01 34.48 5.19
CA LYS A 115 0.22 33.97 6.55
C LYS A 115 0.87 32.59 6.56
N ALA A 116 0.33 31.65 5.75
CA ALA A 116 0.84 30.29 5.63
C ALA A 116 2.26 30.26 5.08
N VAL A 117 2.47 30.81 3.87
CA VAL A 117 3.76 30.84 3.16
C VAL A 117 4.85 31.55 3.96
N ASN A 118 4.57 32.71 4.54
CA ASN A 118 5.59 33.43 5.30
C ASN A 118 5.97 32.70 6.60
N HIS A 119 5.00 32.00 7.23
CA HIS A 119 5.28 31.21 8.43
C HIS A 119 6.10 29.97 8.05
N ILE A 120 5.74 29.29 6.93
CA ILE A 120 6.47 28.11 6.51
C ILE A 120 7.92 28.47 6.08
N ARG A 121 8.13 29.69 5.51
CA ARG A 121 9.48 30.16 5.15
C ARG A 121 10.32 30.43 6.41
N SER A 122 9.67 30.80 7.54
CA SER A 122 10.37 31.03 8.81
C SER A 122 10.77 29.68 9.44
N VAL A 123 9.89 28.65 9.28
CA VAL A 123 10.13 27.26 9.77
C VAL A 123 11.37 26.73 9.01
N TRP A 124 11.41 26.96 7.68
CA TRP A 124 12.50 26.55 6.80
C TRP A 124 13.81 27.21 7.24
N LYS A 125 13.81 28.56 7.43
CA LYS A 125 14.98 29.32 7.88
C LYS A 125 15.50 28.75 9.20
N ASP A 126 14.58 28.47 10.14
CA ASP A 126 14.91 27.88 11.44
C ASP A 126 15.52 26.48 11.31
N LEU A 127 15.05 25.68 10.34
CA LEU A 127 15.64 24.35 10.10
C LEU A 127 17.08 24.50 9.61
N LEU A 128 17.35 25.51 8.79
CA LEU A 128 18.69 25.74 8.26
C LEU A 128 19.63 26.33 9.32
N GLU A 129 19.08 27.08 10.30
CA GLU A 129 19.88 27.78 11.31
C GLU A 129 20.05 27.06 12.65
N ASP A 130 19.07 26.24 13.05
CA ASP A 130 19.11 25.46 14.28
C ASP A 130 19.18 23.99 13.88
N THR A 131 20.24 23.31 14.32
CA THR A 131 20.47 21.91 13.95
C THR A 131 20.20 20.93 15.12
N GLU A 132 19.81 21.44 16.31
CA GLU A 132 19.65 20.56 17.49
C GLU A 132 18.34 20.67 18.29
N THR A 133 17.69 21.85 18.38
CA THR A 133 16.46 22.01 19.21
C THR A 133 15.31 21.06 18.80
N PRO A 134 14.88 20.16 19.71
CA PRO A 134 13.78 19.25 19.37
C PRO A 134 12.50 19.95 18.92
N ILE A 135 11.89 19.38 17.87
CA ILE A 135 10.65 19.87 17.28
C ILE A 135 9.51 19.08 17.96
N ASP A 136 8.45 19.79 18.28
CA ASP A 136 7.26 19.21 18.90
C ASP A 136 6.46 18.40 17.88
N THR A 137 5.67 17.43 18.39
CA THR A 137 4.73 16.61 17.62
C THR A 137 3.42 16.54 18.41
N THR A 138 2.31 16.42 17.71
CA THR A 138 0.99 16.28 18.34
C THR A 138 0.57 14.81 18.30
N ILE A 139 0.03 14.32 19.42
CA ILE A 139 -0.54 12.98 19.51
C ILE A 139 -2.07 13.12 19.58
N MET A 140 -2.78 12.51 18.61
CA MET A 140 -4.23 12.62 18.53
C MET A 140 -4.92 11.29 18.35
N ALA A 141 -6.14 11.21 18.87
CA ALA A 141 -6.96 10.02 18.73
C ALA A 141 -7.87 10.20 17.54
N LYS A 142 -7.76 9.32 16.54
CA LYS A 142 -8.60 9.33 15.33
C LYS A 142 -9.60 8.19 15.56
N ASN A 143 -10.89 8.51 15.67
CA ASN A 143 -11.91 7.48 15.96
C ASN A 143 -11.96 6.36 14.95
N GLU A 144 -12.16 5.13 15.45
CA GLU A 144 -12.28 3.91 14.65
C GLU A 144 -13.59 3.85 13.85
N VAL A 145 -13.47 3.30 12.62
CA VAL A 145 -14.58 3.18 11.70
C VAL A 145 -15.43 1.95 11.97
N PHE A 146 -14.80 0.76 12.05
CA PHE A 146 -15.54 -0.49 12.19
C PHE A 146 -15.71 -0.90 13.65
N CYS A 147 -16.33 -0.02 14.40
CA CYS A 147 -16.56 -0.21 15.82
C CYS A 147 -17.75 0.59 16.29
N VAL A 148 -18.47 0.04 17.29
CA VAL A 148 -19.62 0.64 17.95
C VAL A 148 -19.15 1.88 18.70
N GLN A 149 -19.60 3.04 18.28
CA GLN A 149 -19.16 4.29 18.87
C GLN A 149 -20.16 4.83 19.89
N PRO A 150 -19.71 5.03 21.15
CA PRO A 150 -20.61 5.59 22.18
C PRO A 150 -21.28 6.92 21.78
N GLU A 151 -22.59 6.95 22.00
CA GLU A 151 -23.47 8.07 21.75
C GLU A 151 -23.98 8.52 23.11
N LYS A 152 -23.87 9.84 23.39
CA LYS A 152 -24.31 10.48 24.64
C LYS A 152 -23.51 9.98 25.87
N GLY A 153 -22.19 9.78 25.67
CA GLY A 153 -21.26 9.34 26.70
C GLY A 153 -20.60 7.98 26.51
N GLY A 154 -19.27 7.96 26.76
CA GLY A 154 -18.40 6.79 26.72
C GLY A 154 -17.04 6.97 26.08
N ARG A 155 -16.14 6.02 26.34
CA ARG A 155 -14.78 5.95 25.77
C ARG A 155 -14.89 5.55 24.28
N LYS A 156 -14.43 6.45 23.40
CA LYS A 156 -14.47 6.24 21.96
C LYS A 156 -13.28 5.40 21.50
N PRO A 157 -13.48 4.20 20.93
CA PRO A 157 -12.34 3.44 20.39
C PRO A 157 -11.61 4.25 19.31
N ALA A 158 -10.27 4.38 19.42
CA ALA A 158 -9.54 5.23 18.48
C ALA A 158 -8.11 4.78 18.16
N ARG A 159 -7.62 5.10 16.96
CA ARG A 159 -6.21 4.82 16.66
C ARG A 159 -5.46 6.10 17.01
N LEU A 160 -4.23 6.00 17.48
CA LEU A 160 -3.46 7.19 17.80
C LEU A 160 -2.53 7.57 16.64
N ILE A 161 -2.50 8.86 16.31
CA ILE A 161 -1.68 9.41 15.24
C ILE A 161 -0.72 10.50 15.79
N VAL A 162 0.54 10.45 15.38
CA VAL A 162 1.61 11.36 15.84
C VAL A 162 2.14 12.12 14.63
N PHE A 163 2.11 13.46 14.70
CA PHE A 163 2.53 14.28 13.55
C PHE A 163 3.12 15.64 13.97
N PRO A 164 4.11 16.21 13.22
CA PRO A 164 4.60 17.55 13.56
C PRO A 164 3.63 18.63 13.07
N ASP A 165 3.89 19.91 13.41
CA ASP A 165 3.01 20.99 12.92
C ASP A 165 3.01 21.08 11.40
N LEU A 166 1.88 21.51 10.82
CA LEU A 166 1.68 21.65 9.37
C LEU A 166 2.86 22.34 8.66
N GLY A 167 3.39 23.43 9.24
CA GLY A 167 4.54 24.15 8.69
C GLY A 167 5.75 23.24 8.49
N VAL A 168 6.03 22.39 9.49
CA VAL A 168 7.13 21.42 9.45
C VAL A 168 6.88 20.40 8.32
N ARG A 169 5.62 19.93 8.21
CA ARG A 169 5.21 18.95 7.19
C ARG A 169 5.47 19.43 5.77
N VAL A 170 5.20 20.72 5.50
CA VAL A 170 5.45 21.26 4.17
C VAL A 170 6.96 21.40 3.94
N CYS A 171 7.72 21.73 5.01
CA CYS A 171 9.20 21.81 4.96
C CYS A 171 9.82 20.44 4.63
N GLU A 172 9.26 19.36 5.25
CA GLU A 172 9.66 17.98 5.02
C GLU A 172 9.49 17.61 3.53
N LYS A 173 8.36 18.03 2.91
CA LYS A 173 8.10 17.79 1.49
C LYS A 173 9.12 18.52 0.61
N MET A 174 9.42 19.81 0.91
CA MET A 174 10.40 20.62 0.18
C MET A 174 11.73 19.88 0.11
N ALA A 175 12.21 19.41 1.26
CA ALA A 175 13.49 18.73 1.43
C ALA A 175 13.54 17.27 0.97
N LEU A 176 12.47 16.49 1.22
CA LEU A 176 12.52 15.05 0.99
C LEU A 176 11.58 14.44 -0.05
N TYR A 177 10.49 15.12 -0.48
CA TYR A 177 9.56 14.56 -1.46
C TYR A 177 10.24 13.95 -2.66
N ASP A 178 11.12 14.70 -3.33
CA ASP A 178 11.77 14.14 -4.52
C ASP A 178 12.67 12.96 -4.19
N VAL A 179 13.30 12.94 -2.99
CA VAL A 179 14.17 11.82 -2.62
C VAL A 179 13.31 10.58 -2.33
N VAL A 180 12.23 10.73 -1.55
CA VAL A 180 11.38 9.60 -1.21
C VAL A 180 10.67 9.03 -2.44
N SER A 181 10.41 9.87 -3.45
CA SER A 181 9.74 9.40 -4.66
C SER A 181 10.69 8.88 -5.77
N THR A 182 12.02 8.87 -5.53
CA THR A 182 12.99 8.45 -6.55
C THR A 182 14.03 7.46 -6.01
N LEU A 183 14.52 7.68 -4.78
CA LEU A 183 15.58 6.89 -4.17
C LEU A 183 15.28 5.41 -3.97
N PRO A 184 14.10 5.01 -3.40
CA PRO A 184 13.87 3.58 -3.17
C PRO A 184 13.98 2.70 -4.42
N GLN A 185 13.37 3.15 -5.55
CA GLN A 185 13.44 2.40 -6.79
C GLN A 185 14.85 2.34 -7.34
N ALA A 186 15.59 3.46 -7.26
CA ALA A 186 16.98 3.52 -7.73
C ALA A 186 17.90 2.62 -6.93
N VAL A 187 17.67 2.52 -5.61
CA VAL A 187 18.49 1.69 -4.72
C VAL A 187 18.15 0.19 -4.82
N MET A 188 16.84 -0.14 -4.71
CA MET A 188 16.33 -1.53 -4.62
C MET A 188 15.87 -2.16 -5.90
N GLY A 189 15.66 -1.37 -6.95
CA GLY A 189 15.21 -1.87 -8.24
C GLY A 189 13.88 -2.58 -8.16
N SER A 190 13.83 -3.79 -8.73
CA SER A 190 12.65 -4.64 -8.80
C SER A 190 12.13 -5.09 -7.42
N SER A 191 13.00 -5.05 -6.37
CA SER A 191 12.65 -5.39 -4.99
C SER A 191 11.74 -4.36 -4.34
N TYR A 192 11.66 -3.13 -4.90
CA TYR A 192 10.84 -2.05 -4.35
C TYR A 192 9.36 -2.35 -4.65
N GLY A 193 8.66 -2.83 -3.63
CA GLY A 193 7.28 -3.28 -3.70
C GLY A 193 6.23 -2.30 -4.12
N PHE A 194 6.40 -1.01 -3.85
CA PHE A 194 5.38 0.01 -4.18
C PHE A 194 5.35 0.51 -5.61
N GLN A 195 6.16 -0.04 -6.51
CA GLN A 195 6.14 0.38 -7.91
C GLN A 195 5.10 -0.40 -8.76
N TYR A 196 4.60 -1.53 -8.23
CA TYR A 196 3.73 -2.48 -8.93
C TYR A 196 2.27 -2.36 -8.72
N SER A 197 1.51 -2.62 -9.80
CA SER A 197 0.06 -2.73 -9.77
C SER A 197 -0.20 -4.20 -9.34
N PRO A 198 -1.42 -4.57 -8.83
CA PRO A 198 -1.66 -6.00 -8.53
C PRO A 198 -1.24 -6.96 -9.65
N GLY A 199 -1.60 -6.63 -10.90
CA GLY A 199 -1.21 -7.41 -12.09
C GLY A 199 0.28 -7.50 -12.34
N GLN A 200 1.02 -6.39 -12.18
CA GLN A 200 2.47 -6.36 -12.37
C GLN A 200 3.21 -7.10 -11.24
N ARG A 201 2.68 -7.00 -9.99
CA ARG A 201 3.23 -7.66 -8.80
C ARG A 201 3.20 -9.18 -8.96
N VAL A 202 2.03 -9.73 -9.37
CA VAL A 202 1.84 -11.16 -9.60
C VAL A 202 2.79 -11.65 -10.73
N GLU A 203 2.92 -10.86 -11.81
CA GLU A 203 3.80 -11.18 -12.93
C GLU A 203 5.25 -11.30 -12.45
N PHE A 204 5.68 -10.34 -11.61
CA PHE A 204 7.02 -10.32 -11.05
C PHE A 204 7.27 -11.59 -10.24
N LEU A 205 6.33 -11.93 -9.32
CA LEU A 205 6.40 -13.09 -8.43
C LEU A 205 6.48 -14.40 -9.17
N VAL A 206 5.56 -14.61 -10.13
CA VAL A 206 5.46 -15.82 -10.94
C VAL A 206 6.72 -15.99 -11.79
N ASN A 207 7.19 -14.90 -12.43
CA ASN A 207 8.43 -14.98 -13.23
C ASN A 207 9.65 -15.30 -12.36
N ALA A 208 9.68 -14.78 -11.12
CA ALA A 208 10.78 -15.06 -10.19
C ALA A 208 10.73 -16.53 -9.77
N TRP A 209 9.50 -17.06 -9.48
CA TRP A 209 9.26 -18.45 -9.10
C TRP A 209 9.71 -19.41 -10.24
N LYS A 210 9.31 -19.09 -11.50
CA LYS A 210 9.65 -19.86 -12.71
C LYS A 210 11.15 -19.83 -13.03
N ALA A 211 11.86 -18.77 -12.61
CA ALA A 211 13.29 -18.58 -12.87
C ALA A 211 14.19 -19.61 -12.13
N LYS A 212 13.71 -20.10 -10.98
CA LYS A 212 14.43 -21.05 -10.15
C LYS A 212 14.31 -22.49 -10.63
N LYS A 213 15.40 -23.27 -10.46
CA LYS A 213 15.46 -24.70 -10.80
C LYS A 213 14.51 -25.46 -9.85
N CYS A 214 14.65 -25.25 -8.53
CA CYS A 214 13.74 -25.79 -7.52
C CYS A 214 13.40 -24.66 -6.54
N PRO A 215 12.29 -23.90 -6.80
CA PRO A 215 11.99 -22.75 -5.95
C PRO A 215 11.56 -23.05 -4.52
N MET A 216 11.94 -22.16 -3.64
CA MET A 216 11.53 -22.15 -2.25
C MET A 216 11.28 -20.67 -1.98
N GLY A 217 10.27 -20.39 -1.18
CA GLY A 217 9.97 -19.02 -0.80
C GLY A 217 9.42 -18.94 0.60
N PHE A 218 9.50 -17.75 1.20
CA PHE A 218 8.99 -17.49 2.54
C PHE A 218 8.69 -16.04 2.72
N ALA A 219 7.80 -15.75 3.65
CA ALA A 219 7.44 -14.40 4.00
C ALA A 219 8.02 -14.15 5.37
N TYR A 220 8.50 -12.93 5.60
CA TYR A 220 9.04 -12.51 6.90
C TYR A 220 8.41 -11.19 7.29
N ASP A 221 7.77 -11.15 8.44
CA ASP A 221 7.16 -9.90 8.89
C ASP A 221 7.72 -9.44 10.22
N THR A 222 8.18 -8.18 10.25
CA THR A 222 8.71 -7.54 11.46
C THR A 222 7.55 -6.87 12.23
N ARG A 223 7.21 -7.45 13.40
CA ARG A 223 6.09 -7.05 14.26
C ARG A 223 6.36 -5.71 14.95
N CYS A 224 5.40 -4.75 14.77
CA CYS A 224 5.38 -3.38 15.32
C CYS A 224 6.76 -2.70 15.30
N PHE A 225 7.30 -2.46 14.09
CA PHE A 225 8.60 -1.77 14.04
C PHE A 225 8.46 -0.25 14.05
N ASP A 226 7.37 0.30 13.46
CA ASP A 226 7.05 1.73 13.34
C ASP A 226 7.20 2.58 14.62
N SER A 227 7.03 1.97 15.81
CA SER A 227 7.21 2.63 17.11
C SER A 227 8.62 2.33 17.65
N THR A 228 9.07 1.06 17.47
CA THR A 228 10.35 0.52 17.93
C THR A 228 11.54 0.82 16.96
N VAL A 229 11.43 1.88 16.10
CA VAL A 229 12.53 2.23 15.17
C VAL A 229 13.71 2.78 15.97
N THR A 230 14.88 2.12 15.85
CA THR A 230 16.10 2.52 16.56
C THR A 230 16.68 3.82 16.01
N GLU A 231 17.37 4.57 16.89
CA GLU A 231 18.05 5.81 16.55
C GLU A 231 19.03 5.55 15.40
N ASN A 232 19.76 4.41 15.46
CA ASN A 232 20.71 3.99 14.46
C ASN A 232 20.07 3.83 13.09
N ASP A 233 18.89 3.17 13.03
CA ASP A 233 18.16 2.98 11.79
C ASP A 233 17.84 4.31 11.13
N ILE A 234 17.36 5.28 11.93
CA ILE A 234 17.04 6.63 11.48
C ILE A 234 18.27 7.32 10.89
N ARG A 235 19.44 7.18 11.58
CA ARG A 235 20.70 7.78 11.15
C ARG A 235 21.21 7.14 9.88
N VAL A 236 21.09 5.79 9.78
CA VAL A 236 21.54 5.04 8.60
C VAL A 236 20.72 5.47 7.40
N GLU A 237 19.39 5.66 7.59
CA GLU A 237 18.49 6.12 6.52
C GLU A 237 19.04 7.45 6.02
N GLU A 238 19.28 8.41 6.94
CA GLU A 238 19.78 9.73 6.61
C GLU A 238 21.08 9.66 5.82
N SER A 239 22.03 8.82 6.26
CA SER A 239 23.30 8.63 5.57
C SER A 239 23.10 8.20 4.09
N ILE A 240 22.04 7.43 3.79
CA ILE A 240 21.70 7.02 2.41
C ILE A 240 21.15 8.23 1.67
N TYR A 241 20.23 9.01 2.28
CA TYR A 241 19.64 10.19 1.64
C TYR A 241 20.73 11.23 1.29
N GLN A 242 21.73 11.38 2.19
CA GLN A 242 22.84 12.30 2.02
C GLN A 242 23.76 11.94 0.84
N CYS A 243 23.66 10.71 0.30
CA CYS A 243 24.47 10.33 -0.86
C CYS A 243 23.97 10.89 -2.17
N CYS A 244 22.75 11.42 -2.18
CA CYS A 244 22.15 11.99 -3.39
C CYS A 244 22.77 13.34 -3.71
N ASP A 245 22.55 13.81 -4.96
CA ASP A 245 22.97 15.13 -5.39
C ASP A 245 21.84 16.04 -4.94
N LEU A 246 22.04 16.64 -3.77
CA LEU A 246 21.07 17.52 -3.14
C LEU A 246 21.49 18.98 -3.23
N ALA A 247 20.52 19.90 -3.06
CA ALA A 247 20.78 21.33 -2.96
C ALA A 247 21.39 21.51 -1.54
N PRO A 248 22.33 22.46 -1.33
CA PRO A 248 22.92 22.62 0.02
C PRO A 248 21.93 22.85 1.15
N GLU A 249 20.80 23.55 0.86
CA GLU A 249 19.72 23.80 1.82
C GLU A 249 19.01 22.49 2.17
N ALA A 250 18.84 21.59 1.16
CA ALA A 250 18.21 20.28 1.35
C ALA A 250 19.07 19.45 2.31
N ARG A 251 20.39 19.36 2.06
CA ARG A 251 21.36 18.64 2.90
C ARG A 251 21.28 19.05 4.37
N GLN A 252 21.20 20.36 4.63
CA GLN A 252 21.09 20.88 6.00
C GLN A 252 19.72 20.57 6.59
N ALA A 253 18.61 20.85 5.83
CA ALA A 253 17.22 20.57 6.26
C ALA A 253 17.04 19.08 6.62
N ILE A 254 17.65 18.17 5.82
CA ILE A 254 17.59 16.72 6.08
C ILE A 254 18.28 16.39 7.38
N ARG A 255 19.50 16.98 7.62
CA ARG A 255 20.24 16.80 8.86
C ARG A 255 19.47 17.34 10.07
N SER A 256 18.89 18.55 9.95
CA SER A 256 18.10 19.16 11.04
C SER A 256 16.84 18.35 11.37
N LEU A 257 16.07 17.96 10.35
CA LEU A 257 14.85 17.18 10.55
C LEU A 257 15.15 15.85 11.20
N THR A 258 16.26 15.18 10.80
CA THR A 258 16.55 13.90 11.43
C THR A 258 16.95 14.09 12.90
N GLU A 259 17.81 15.07 13.21
CA GLU A 259 18.27 15.31 14.58
C GLU A 259 17.22 15.91 15.52
N ARG A 260 16.39 16.83 15.02
CA ARG A 260 15.37 17.54 15.80
C ARG A 260 13.99 16.89 15.84
N LEU A 261 13.67 16.04 14.85
CA LEU A 261 12.34 15.44 14.76
C LEU A 261 12.33 13.90 14.62
N TYR A 262 12.98 13.37 13.57
CA TYR A 262 12.94 11.95 13.25
C TYR A 262 13.55 11.01 14.29
N ILE A 263 14.66 11.40 14.94
CA ILE A 263 15.33 10.57 15.93
C ILE A 263 14.52 10.45 17.26
N GLY A 264 13.66 11.44 17.52
CA GLY A 264 12.81 11.55 18.69
C GLY A 264 12.52 13.00 19.03
N GLY A 265 11.68 13.22 20.04
CA GLY A 265 11.33 14.57 20.48
C GLY A 265 10.10 14.62 21.38
N PRO A 266 9.73 15.81 21.91
CA PRO A 266 8.54 15.87 22.78
C PRO A 266 7.23 15.70 22.04
N LEU A 267 6.23 15.09 22.70
CA LEU A 267 4.90 14.95 22.12
C LEU A 267 3.87 15.63 23.02
N THR A 268 2.89 16.33 22.41
CA THR A 268 1.85 17.12 23.10
C THR A 268 0.45 16.88 22.56
N ASN A 269 -0.59 17.31 23.33
CA ASN A 269 -2.02 17.20 22.99
C ASN A 269 -2.38 17.87 21.65
N CYS A 275 2.40 15.10 28.90
CA CYS A 275 2.61 14.97 27.47
C CYS A 275 3.65 13.86 27.12
N GLY A 276 4.94 14.08 27.41
CA GLY A 276 6.00 13.09 27.22
C GLY A 276 7.02 13.31 26.11
N TYR A 277 7.86 12.26 25.85
CA TYR A 277 8.92 12.20 24.83
C TYR A 277 8.75 10.91 23.95
N ARG A 278 8.80 11.06 22.61
CA ARG A 278 8.62 9.97 21.64
C ARG A 278 9.89 9.59 20.85
N ARG A 279 9.99 8.29 20.55
CA ARG A 279 11.04 7.66 19.74
C ARG A 279 10.38 6.83 18.62
N CYS A 280 9.12 7.21 18.29
CA CYS A 280 8.29 6.62 17.23
C CYS A 280 8.41 7.49 15.98
N ARG A 281 7.99 6.96 14.80
CA ARG A 281 8.04 7.70 13.55
C ARG A 281 7.12 8.91 13.58
N ALA A 282 7.69 10.10 13.33
CA ALA A 282 6.94 11.36 13.26
C ALA A 282 7.04 11.95 11.83
N SER A 283 7.70 11.21 10.92
CA SER A 283 7.80 11.58 9.51
C SER A 283 6.45 11.38 8.80
N GLY A 284 6.33 11.88 7.58
CA GLY A 284 5.13 11.74 6.76
C GLY A 284 5.07 10.36 6.14
N VAL A 285 3.85 9.91 5.73
CA VAL A 285 3.60 8.61 5.11
C VAL A 285 4.68 8.23 4.06
N LEU A 286 4.94 9.10 3.06
CA LEU A 286 5.96 8.86 2.03
C LEU A 286 7.41 8.70 2.57
N THR A 287 7.74 9.43 3.66
CA THR A 287 9.04 9.42 4.32
C THR A 287 9.20 8.14 5.18
N THR A 288 8.14 7.79 5.94
CA THR A 288 8.03 6.61 6.81
C THR A 288 8.17 5.34 5.97
N SER A 289 7.46 5.31 4.81
CA SER A 289 7.42 4.20 3.88
C SER A 289 8.78 3.91 3.27
N CYS A 290 9.45 4.96 2.78
CA CYS A 290 10.79 4.95 2.19
C CYS A 290 11.78 4.39 3.21
N GLY A 291 11.74 4.95 4.43
CA GLY A 291 12.58 4.60 5.55
C GLY A 291 12.48 3.14 5.93
N ASN A 292 11.23 2.68 6.18
CA ASN A 292 10.95 1.29 6.55
C ASN A 292 11.37 0.33 5.48
N THR A 293 11.05 0.64 4.20
CA THR A 293 11.41 -0.24 3.08
C THR A 293 12.93 -0.36 2.94
N LEU A 294 13.66 0.79 2.94
CA LEU A 294 15.12 0.81 2.81
C LEU A 294 15.80 0.05 3.94
N THR A 295 15.32 0.24 5.17
CA THR A 295 15.84 -0.40 6.39
C THR A 295 15.61 -1.90 6.35
N CYS A 296 14.37 -2.32 6.02
CA CYS A 296 14.00 -3.73 5.93
C CYS A 296 14.77 -4.39 4.78
N TYR A 297 14.90 -3.71 3.63
CA TYR A 297 15.68 -4.23 2.51
C TYR A 297 17.12 -4.47 2.93
N LEU A 298 17.76 -3.46 3.59
CA LEU A 298 19.14 -3.52 4.11
C LEU A 298 19.36 -4.72 5.02
N LYS A 299 18.54 -4.82 6.08
CA LYS A 299 18.65 -5.92 7.04
C LYS A 299 18.42 -7.27 6.39
N ALA A 300 17.42 -7.37 5.49
CA ALA A 300 17.08 -8.64 4.83
C ALA A 300 18.11 -9.06 3.82
N ALA A 301 18.61 -8.12 3.00
CA ALA A 301 19.65 -8.46 2.00
C ALA A 301 20.92 -8.98 2.70
N ALA A 302 21.28 -8.36 3.85
CA ALA A 302 22.39 -8.77 4.68
C ALA A 302 22.13 -10.13 5.29
N ALA A 303 20.90 -10.36 5.83
CA ALA A 303 20.49 -11.64 6.44
C ALA A 303 20.47 -12.80 5.44
N CYS A 304 20.20 -12.52 4.15
CA CYS A 304 20.22 -13.52 3.07
C CYS A 304 21.63 -14.02 2.85
N ARG A 305 22.60 -13.11 2.97
CA ARG A 305 24.02 -13.40 2.83
C ARG A 305 24.50 -14.24 4.02
N ALA A 306 24.10 -13.84 5.25
CA ALA A 306 24.42 -14.53 6.49
C ALA A 306 23.89 -15.96 6.48
N ALA A 307 22.67 -16.15 5.94
CA ALA A 307 22.00 -17.45 5.83
C ALA A 307 22.43 -18.25 4.58
N LYS A 308 23.33 -17.66 3.76
CA LYS A 308 23.89 -18.27 2.53
C LYS A 308 22.78 -18.77 1.56
N LEU A 309 21.67 -18.02 1.45
CA LEU A 309 20.51 -18.30 0.59
C LEU A 309 20.97 -18.12 -0.85
N GLN A 310 20.67 -19.06 -1.75
CA GLN A 310 21.14 -18.98 -3.13
C GLN A 310 20.12 -18.41 -4.09
N ASP A 311 20.58 -17.50 -5.00
CA ASP A 311 19.81 -16.86 -6.08
C ASP A 311 18.50 -16.24 -5.56
N CYS A 312 18.60 -15.38 -4.54
CA CYS A 312 17.47 -14.68 -3.95
C CYS A 312 16.85 -13.67 -4.86
N THR A 313 15.54 -13.56 -4.76
CA THR A 313 14.73 -12.53 -5.37
C THR A 313 13.90 -12.08 -4.20
N MET A 314 14.00 -10.80 -3.83
CA MET A 314 13.25 -10.26 -2.72
C MET A 314 12.22 -9.28 -3.18
N LEU A 315 11.15 -9.14 -2.42
CA LEU A 315 10.10 -8.15 -2.69
C LEU A 315 9.78 -7.53 -1.34
N VAL A 316 9.99 -6.21 -1.21
CA VAL A 316 9.85 -5.47 0.05
C VAL A 316 8.80 -4.37 -0.04
N CYS A 317 7.88 -4.33 0.95
CA CYS A 317 6.85 -3.33 1.12
C CYS A 317 6.93 -2.97 2.58
N GLY A 318 7.61 -1.85 2.90
CA GLY A 318 7.81 -1.39 4.27
C GLY A 318 8.45 -2.47 5.13
N ASP A 319 7.80 -2.85 6.23
CA ASP A 319 8.28 -3.93 7.12
C ASP A 319 7.97 -5.35 6.55
N ASP A 320 7.07 -5.48 5.54
CA ASP A 320 6.66 -6.76 4.94
C ASP A 320 7.61 -7.20 3.80
N LEU A 321 8.10 -8.45 3.88
CA LEU A 321 8.99 -8.95 2.84
C LEU A 321 8.78 -10.43 2.45
N VAL A 322 9.16 -10.75 1.20
CA VAL A 322 9.10 -12.10 0.63
C VAL A 322 10.41 -12.37 -0.08
N VAL A 323 10.97 -13.56 0.15
CA VAL A 323 12.19 -14.03 -0.52
C VAL A 323 11.85 -15.32 -1.30
N ILE A 324 12.27 -15.38 -2.57
CA ILE A 324 12.14 -16.54 -3.46
C ILE A 324 13.56 -16.92 -3.86
N CYS A 325 13.99 -18.11 -3.48
CA CYS A 325 15.35 -18.56 -3.73
C CYS A 325 15.40 -20.00 -4.19
N GLU A 326 16.63 -20.54 -4.33
CA GLU A 326 16.89 -21.93 -4.74
C GLU A 326 16.88 -22.84 -3.53
N SER A 327 16.11 -23.92 -3.60
CA SER A 327 16.04 -24.91 -2.52
C SER A 327 17.35 -25.72 -2.48
N ALA A 328 17.80 -26.04 -1.26
CA ALA A 328 19.02 -26.84 -1.03
C ALA A 328 18.66 -28.17 -0.36
N GLY A 329 17.36 -28.42 -0.24
CA GLY A 329 16.80 -29.61 0.40
C GLY A 329 16.00 -29.18 1.62
N THR A 330 15.05 -30.04 2.04
CA THR A 330 14.15 -29.77 3.16
C THR A 330 14.85 -29.33 4.43
N GLN A 331 15.76 -30.15 4.97
CA GLN A 331 16.47 -29.85 6.22
C GLN A 331 17.45 -28.69 6.08
N GLU A 332 18.12 -28.58 4.91
CA GLU A 332 19.04 -27.49 4.60
C GLU A 332 18.30 -26.13 4.58
N ASP A 333 17.09 -26.09 3.94
CA ASP A 333 16.25 -24.90 3.86
C ASP A 333 15.74 -24.50 5.24
N GLU A 334 15.37 -25.48 6.08
CA GLU A 334 14.88 -25.22 7.44
C GLU A 334 15.97 -24.57 8.28
N ALA A 335 17.23 -25.04 8.11
CA ALA A 335 18.42 -24.51 8.81
C ALA A 335 18.71 -23.08 8.33
N SER A 336 18.69 -22.87 6.99
CA SER A 336 18.90 -21.58 6.37
C SER A 336 17.92 -20.51 6.93
N LEU A 337 16.65 -20.87 7.12
CA LEU A 337 15.64 -19.94 7.64
C LEU A 337 15.88 -19.55 9.08
N ARG A 338 16.39 -20.51 9.89
CA ARG A 338 16.76 -20.29 11.31
C ARG A 338 17.94 -19.29 11.33
N ALA A 339 18.89 -19.47 10.38
CA ALA A 339 20.05 -18.60 10.19
C ALA A 339 19.61 -17.17 9.81
N PHE A 340 18.65 -17.08 8.86
CA PHE A 340 18.08 -15.82 8.40
C PHE A 340 17.45 -15.07 9.56
N THR A 341 16.63 -15.76 10.36
CA THR A 341 15.93 -15.20 11.51
C THR A 341 16.92 -14.71 12.58
N GLU A 342 18.00 -15.46 12.84
CA GLU A 342 19.02 -15.11 13.81
C GLU A 342 19.69 -13.79 13.42
N ALA A 343 20.05 -13.67 12.12
CA ALA A 343 20.66 -12.46 11.58
C ALA A 343 19.72 -11.27 11.67
N MET A 344 18.44 -11.43 11.26
CA MET A 344 17.45 -10.34 11.35
C MET A 344 17.26 -9.90 12.77
N THR A 345 17.14 -10.86 13.71
CA THR A 345 16.97 -10.57 15.14
C THR A 345 18.15 -9.74 15.68
N ARG A 346 19.40 -10.08 15.29
CA ARG A 346 20.59 -9.32 15.66
C ARG A 346 20.57 -7.90 15.06
N TYR A 347 19.95 -7.73 13.90
CA TYR A 347 19.84 -6.41 13.27
C TYR A 347 18.66 -5.63 13.87
N SER A 348 18.02 -6.17 14.95
CA SER A 348 16.87 -5.63 15.67
C SER A 348 15.61 -5.59 14.80
N ALA A 349 15.37 -6.71 14.08
CA ALA A 349 14.20 -6.93 13.21
C ALA A 349 13.70 -8.36 13.48
N PRO A 350 13.23 -8.64 14.72
CA PRO A 350 12.77 -10.01 15.01
C PRO A 350 11.47 -10.35 14.26
N PRO A 351 11.13 -11.64 14.10
CA PRO A 351 9.89 -11.96 13.37
C PRO A 351 8.64 -11.95 14.25
N GLY A 352 7.49 -11.76 13.61
CA GLY A 352 6.21 -11.84 14.30
C GLY A 352 5.96 -13.30 14.58
N ASP A 353 5.77 -14.07 13.48
CA ASP A 353 5.63 -15.52 13.48
C ASP A 353 6.92 -16.02 12.80
N PRO A 354 7.58 -17.09 13.31
CA PRO A 354 8.81 -17.57 12.66
C PRO A 354 8.56 -17.95 11.20
N PRO A 355 9.48 -17.63 10.26
CA PRO A 355 9.20 -17.93 8.85
C PRO A 355 9.24 -19.41 8.52
N LYS A 356 8.36 -19.85 7.60
CA LYS A 356 8.24 -21.23 7.16
C LYS A 356 8.61 -21.37 5.67
N PRO A 357 9.52 -22.31 5.28
CA PRO A 357 9.82 -22.48 3.85
C PRO A 357 8.62 -23.07 3.13
N GLU A 358 8.29 -22.55 1.95
CA GLU A 358 7.14 -23.01 1.18
C GLU A 358 7.61 -23.48 -0.16
N TYR A 359 6.98 -24.57 -0.67
CA TYR A 359 7.41 -25.16 -1.94
C TYR A 359 6.40 -24.98 -3.06
N ASP A 360 5.23 -24.39 -2.72
CA ASP A 360 4.18 -23.95 -3.63
C ASP A 360 4.03 -22.44 -3.40
N LEU A 361 4.16 -21.62 -4.48
CA LEU A 361 4.01 -20.17 -4.39
C LEU A 361 2.67 -19.78 -3.74
N GLU A 362 1.59 -20.55 -4.01
CA GLU A 362 0.23 -20.32 -3.48
C GLU A 362 0.15 -20.31 -1.96
N LEU A 363 1.06 -21.05 -1.29
CA LEU A 363 1.07 -21.18 0.16
C LEU A 363 1.73 -20.01 0.94
N ILE A 364 2.44 -19.10 0.25
CA ILE A 364 3.03 -17.95 0.91
C ILE A 364 1.95 -16.86 1.08
N THR A 365 1.79 -16.34 2.31
CA THR A 365 0.89 -15.22 2.60
C THR A 365 1.74 -14.01 2.99
N SER A 366 1.54 -12.90 2.31
CA SER A 366 2.24 -11.66 2.57
C SER A 366 1.30 -10.52 2.24
N CYS A 367 1.30 -9.48 3.09
CA CYS A 367 0.42 -8.32 2.95
C CYS A 367 -1.02 -8.80 2.85
N SER A 368 -1.33 -9.79 3.70
CA SER A 368 -2.62 -10.47 3.86
C SER A 368 -3.10 -11.21 2.62
N SER A 369 -2.21 -11.34 1.59
CA SER A 369 -2.53 -11.92 0.29
C SER A 369 -1.72 -13.12 -0.14
N ASN A 370 -2.29 -13.89 -1.08
CA ASN A 370 -1.62 -15.05 -1.67
C ASN A 370 -1.95 -15.15 -3.17
N VAL A 371 -1.03 -15.73 -3.93
CA VAL A 371 -1.22 -15.94 -5.35
C VAL A 371 -2.09 -17.15 -5.53
N SER A 372 -3.02 -17.12 -6.47
CA SER A 372 -3.85 -18.25 -6.87
C SER A 372 -3.94 -18.26 -8.41
N VAL A 373 -4.52 -19.33 -8.96
CA VAL A 373 -4.67 -19.60 -10.40
C VAL A 373 -6.14 -19.63 -10.82
N ALA A 374 -6.38 -19.24 -12.07
CA ALA A 374 -7.68 -19.29 -12.74
C ALA A 374 -7.35 -19.39 -14.23
N HIS A 375 -8.34 -19.53 -15.08
CA HIS A 375 -8.11 -19.59 -16.52
C HIS A 375 -8.90 -18.50 -17.22
N ASP A 376 -8.31 -17.91 -18.26
CA ASP A 376 -9.02 -16.92 -19.07
C ASP A 376 -9.95 -17.67 -20.03
N ALA A 377 -10.68 -16.93 -20.87
CA ALA A 377 -11.64 -17.51 -21.82
C ALA A 377 -11.03 -18.56 -22.79
N SER A 378 -9.74 -18.37 -23.18
CA SER A 378 -8.97 -19.27 -24.08
C SER A 378 -8.34 -20.49 -23.37
N GLY A 379 -8.54 -20.61 -22.05
CA GLY A 379 -8.03 -21.73 -21.25
C GLY A 379 -6.64 -21.55 -20.66
N LYS A 380 -6.01 -20.41 -20.96
CA LYS A 380 -4.67 -20.09 -20.47
C LYS A 380 -4.69 -19.76 -18.96
N ARG A 381 -3.69 -20.24 -18.21
CA ARG A 381 -3.52 -19.94 -16.78
C ARG A 381 -3.32 -18.43 -16.56
N VAL A 382 -4.03 -17.90 -15.57
CA VAL A 382 -3.96 -16.50 -15.15
C VAL A 382 -3.74 -16.51 -13.65
N TYR A 383 -2.68 -15.85 -13.24
CA TYR A 383 -2.33 -15.75 -11.85
C TYR A 383 -2.91 -14.47 -11.30
N TYR A 384 -3.34 -14.49 -10.02
CA TYR A 384 -3.91 -13.30 -9.38
C TYR A 384 -3.71 -13.36 -7.87
N LEU A 385 -3.73 -12.18 -7.22
CA LEU A 385 -3.64 -12.07 -5.76
C LEU A 385 -5.06 -12.15 -5.19
N THR A 386 -5.23 -12.98 -4.12
CA THR A 386 -6.46 -13.14 -3.35
C THR A 386 -6.14 -13.09 -1.87
N ARG A 387 -7.16 -13.26 -1.01
CA ARG A 387 -7.02 -13.29 0.44
C ARG A 387 -8.22 -13.98 1.01
N ASP A 388 -8.16 -14.34 2.32
CA ASP A 388 -9.31 -14.92 3.02
C ASP A 388 -10.41 -13.82 3.00
N PRO A 389 -11.66 -14.10 2.57
CA PRO A 389 -12.64 -13.01 2.44
C PRO A 389 -13.42 -12.65 3.69
N THR A 390 -13.12 -13.27 4.87
CA THR A 390 -13.87 -13.00 6.11
C THR A 390 -13.93 -11.51 6.46
N THR A 391 -12.78 -10.83 6.60
CA THR A 391 -12.76 -9.41 6.97
C THR A 391 -13.36 -8.55 5.86
N PRO A 392 -12.99 -8.71 4.56
CA PRO A 392 -13.65 -7.91 3.52
C PRO A 392 -15.17 -8.02 3.56
N LEU A 393 -15.73 -9.22 3.81
CA LEU A 393 -17.19 -9.43 3.86
C LEU A 393 -17.80 -8.82 5.10
N ALA A 394 -17.16 -9.02 6.26
CA ALA A 394 -17.63 -8.48 7.53
C ALA A 394 -17.70 -6.93 7.49
N ARG A 395 -16.65 -6.28 6.91
CA ARG A 395 -16.60 -4.83 6.77
C ARG A 395 -17.65 -4.33 5.78
N ALA A 396 -17.89 -5.10 4.69
CA ALA A 396 -18.89 -4.76 3.68
C ALA A 396 -20.29 -4.90 4.29
N ALA A 397 -20.50 -5.89 5.22
CA ALA A 397 -21.79 -6.09 5.93
C ALA A 397 -22.09 -4.85 6.76
N TRP A 398 -21.06 -4.35 7.46
CA TRP A 398 -21.14 -3.14 8.26
C TRP A 398 -21.62 -1.98 7.38
N GLU A 399 -20.96 -1.80 6.20
CA GLU A 399 -21.21 -0.74 5.23
C GLU A 399 -22.61 -0.84 4.59
N THR A 400 -23.21 -2.04 4.55
CA THR A 400 -24.59 -2.22 4.05
C THR A 400 -25.56 -1.54 5.04
N ALA A 401 -25.21 -1.57 6.34
CA ALA A 401 -26.03 -1.00 7.39
C ALA A 401 -25.70 0.46 7.68
N ARG A 402 -24.43 0.84 7.58
CA ARG A 402 -23.98 2.18 7.94
C ARG A 402 -22.94 2.67 6.96
N HIS A 403 -23.13 3.87 6.43
CA HIS A 403 -22.22 4.50 5.48
C HIS A 403 -20.95 4.88 6.20
N THR A 404 -19.79 4.59 5.57
CA THR A 404 -18.49 4.87 6.16
C THR A 404 -17.72 5.88 5.29
N PRO A 405 -16.65 6.51 5.81
CA PRO A 405 -15.83 7.38 4.95
C PRO A 405 -14.72 6.63 4.19
N VAL A 406 -14.65 5.30 4.35
CA VAL A 406 -13.61 4.43 3.85
C VAL A 406 -14.05 3.60 2.64
N ASN A 407 -15.32 3.14 2.62
CA ASN A 407 -15.90 2.29 1.56
C ASN A 407 -14.99 1.12 1.22
N SER A 408 -14.68 0.35 2.25
CA SER A 408 -13.81 -0.80 2.17
C SER A 408 -14.23 -1.77 1.07
N TRP A 409 -15.56 -1.89 0.84
CA TRP A 409 -16.14 -2.75 -0.18
C TRP A 409 -15.62 -2.38 -1.56
N LEU A 410 -15.51 -1.08 -1.85
CA LEU A 410 -15.07 -0.53 -3.11
C LEU A 410 -13.56 -0.70 -3.30
N GLY A 411 -12.81 -0.58 -2.21
CA GLY A 411 -11.37 -0.75 -2.20
C GLY A 411 -11.04 -2.19 -2.41
N ASN A 412 -11.89 -3.10 -1.88
CA ASN A 412 -11.69 -4.54 -2.04
C ASN A 412 -12.00 -4.99 -3.45
N ILE A 413 -13.03 -4.40 -4.08
CA ILE A 413 -13.37 -4.70 -5.48
C ILE A 413 -12.19 -4.27 -6.35
N ILE A 414 -11.58 -3.12 -6.06
CA ILE A 414 -10.46 -2.61 -6.86
C ILE A 414 -9.20 -3.48 -6.65
N MET A 415 -8.78 -3.71 -5.38
CA MET A 415 -7.59 -4.53 -5.08
C MET A 415 -7.75 -6.00 -5.52
N TYR A 416 -8.96 -6.59 -5.32
CA TYR A 416 -9.20 -8.01 -5.56
C TYR A 416 -10.19 -8.33 -6.67
N ALA A 417 -10.32 -7.45 -7.67
CA ALA A 417 -11.25 -7.65 -8.80
C ALA A 417 -11.19 -9.02 -9.46
N PRO A 418 -10.03 -9.67 -9.68
CA PRO A 418 -10.03 -10.99 -10.34
C PRO A 418 -10.66 -12.12 -9.51
N THR A 419 -10.77 -11.94 -8.16
CA THR A 419 -11.21 -12.98 -7.22
C THR A 419 -12.63 -13.31 -7.37
N LEU A 420 -12.94 -14.58 -7.10
CA LEU A 420 -14.27 -15.17 -7.15
C LEU A 420 -15.22 -14.44 -6.19
N TRP A 421 -14.77 -14.14 -4.96
CA TRP A 421 -15.58 -13.44 -3.96
C TRP A 421 -15.86 -11.94 -4.26
N ALA A 422 -14.90 -11.20 -4.86
CA ALA A 422 -15.13 -9.78 -5.18
C ALA A 422 -16.11 -9.68 -6.34
N ARG A 423 -15.97 -10.58 -7.31
CA ARG A 423 -16.87 -10.57 -8.48
C ARG A 423 -18.26 -11.04 -8.17
N MET A 424 -18.39 -12.18 -7.51
CA MET A 424 -19.71 -12.78 -7.28
C MET A 424 -20.49 -12.18 -6.13
N ILE A 425 -19.80 -11.77 -5.05
CA ILE A 425 -20.49 -11.25 -3.90
C ILE A 425 -20.46 -9.74 -3.85
N LEU A 426 -19.27 -9.12 -3.76
CA LEU A 426 -19.18 -7.67 -3.59
C LEU A 426 -19.75 -6.88 -4.76
N MET A 427 -19.38 -7.20 -6.02
CA MET A 427 -19.95 -6.47 -7.16
C MET A 427 -21.46 -6.65 -7.22
N THR A 428 -21.95 -7.89 -7.11
CA THR A 428 -23.39 -8.17 -7.16
C THR A 428 -24.15 -7.40 -6.09
N HIS A 429 -23.75 -7.55 -4.84
CA HIS A 429 -24.43 -6.91 -3.74
C HIS A 429 -24.44 -5.37 -3.79
N PHE A 430 -23.30 -4.74 -4.04
CA PHE A 430 -23.24 -3.29 -4.06
C PHE A 430 -23.86 -2.64 -5.32
N PHE A 431 -23.77 -3.28 -6.49
CA PHE A 431 -24.46 -2.74 -7.66
C PHE A 431 -25.96 -2.81 -7.46
N SER A 432 -26.46 -3.85 -6.75
CA SER A 432 -27.88 -4.00 -6.39
C SER A 432 -28.33 -2.82 -5.49
N ILE A 433 -27.49 -2.44 -4.50
CA ILE A 433 -27.77 -1.33 -3.59
C ILE A 433 -27.78 -0.03 -4.37
N LEU A 434 -26.73 0.23 -5.17
CA LEU A 434 -26.58 1.44 -5.97
C LEU A 434 -27.74 1.64 -6.96
N LEU A 435 -28.25 0.53 -7.51
CA LEU A 435 -29.38 0.55 -8.45
C LEU A 435 -30.64 0.99 -7.68
N ALA A 436 -30.87 0.39 -6.49
CA ALA A 436 -32.00 0.69 -5.62
C ALA A 436 -31.95 2.14 -5.17
N GLN A 437 -30.80 2.59 -4.67
CA GLN A 437 -30.61 3.94 -4.18
C GLN A 437 -30.48 5.00 -5.27
N GLU A 438 -30.36 4.60 -6.56
CA GLU A 438 -30.16 5.50 -7.72
C GLU A 438 -28.95 6.36 -7.45
N GLN A 439 -27.80 5.70 -7.16
CA GLN A 439 -26.56 6.37 -6.78
C GLN A 439 -25.31 5.81 -7.46
N LEU A 440 -25.48 5.24 -8.68
CA LEU A 440 -24.36 4.67 -9.46
C LEU A 440 -23.33 5.73 -9.85
N GLU A 441 -23.82 6.95 -10.08
CA GLU A 441 -23.13 8.15 -10.54
C GLU A 441 -22.38 8.87 -9.44
N LYS A 442 -22.83 8.71 -8.19
CA LYS A 442 -22.23 9.36 -7.02
C LYS A 442 -20.82 8.82 -6.68
N ALA A 443 -19.80 9.67 -6.83
CA ALA A 443 -18.41 9.41 -6.48
C ALA A 443 -18.33 9.17 -4.96
N LEU A 444 -17.61 8.12 -4.57
CA LEU A 444 -17.45 7.72 -3.19
C LEU A 444 -16.02 7.85 -2.75
N ASP A 445 -15.84 8.27 -1.49
CA ASP A 445 -14.50 8.37 -0.95
C ASP A 445 -14.07 7.00 -0.53
N CYS A 446 -12.97 6.57 -1.08
CA CYS A 446 -12.49 5.24 -0.90
C CYS A 446 -11.05 5.26 -0.44
N GLN A 447 -10.77 4.64 0.71
CA GLN A 447 -9.39 4.58 1.19
C GLN A 447 -8.69 3.33 0.65
N ILE A 448 -7.60 3.54 -0.09
CA ILE A 448 -6.80 2.43 -0.58
C ILE A 448 -5.39 2.64 -0.08
N TYR A 449 -5.00 1.80 0.91
CA TYR A 449 -3.69 1.84 1.57
C TYR A 449 -3.47 3.21 2.24
N GLY A 450 -2.60 4.02 1.67
CA GLY A 450 -2.35 5.35 2.23
C GLY A 450 -3.52 6.29 2.02
N ALA A 451 -3.59 6.80 0.79
CA ALA A 451 -4.48 7.79 0.23
C ALA A 451 -6.00 7.52 0.29
N CYS A 452 -6.76 8.62 0.12
CA CYS A 452 -8.21 8.65 0.00
C CYS A 452 -8.52 9.13 -1.42
N TYR A 453 -9.28 8.34 -2.19
CA TYR A 453 -9.61 8.66 -3.57
C TYR A 453 -11.09 8.87 -3.71
N SER A 454 -11.51 9.73 -4.63
CA SER A 454 -12.93 9.91 -4.92
C SER A 454 -13.19 9.06 -6.18
N ILE A 455 -13.94 7.95 -6.05
CA ILE A 455 -14.17 7.02 -7.16
C ILE A 455 -15.64 6.86 -7.45
N GLU A 456 -16.04 6.95 -8.72
CA GLU A 456 -17.41 6.71 -9.13
C GLU A 456 -17.50 5.22 -9.45
N PRO A 457 -18.47 4.48 -8.88
CA PRO A 457 -18.62 3.05 -9.21
C PRO A 457 -18.70 2.74 -10.70
N LEU A 458 -19.29 3.65 -11.51
CA LEU A 458 -19.42 3.52 -12.97
C LEU A 458 -18.08 3.45 -13.72
N ASP A 459 -16.97 3.79 -13.06
CA ASP A 459 -15.65 3.75 -13.70
C ASP A 459 -14.89 2.48 -13.39
N LEU A 460 -15.52 1.53 -12.66
CA LEU A 460 -14.88 0.31 -12.25
C LEU A 460 -14.32 -0.54 -13.41
N PRO A 461 -15.02 -0.71 -14.56
CA PRO A 461 -14.40 -1.50 -15.66
C PRO A 461 -13.03 -0.96 -16.10
N GLN A 462 -12.91 0.35 -16.28
CA GLN A 462 -11.68 1.03 -16.71
C GLN A 462 -10.57 0.85 -15.69
N ILE A 463 -10.90 1.06 -14.39
CA ILE A 463 -9.94 0.94 -13.28
C ILE A 463 -9.41 -0.48 -13.18
N ILE A 464 -10.33 -1.46 -13.20
CA ILE A 464 -9.98 -2.87 -13.12
C ILE A 464 -9.08 -3.29 -14.26
N GLN A 465 -9.41 -2.86 -15.49
CA GLN A 465 -8.57 -3.20 -16.65
C GLN A 465 -7.17 -2.65 -16.51
N ARG A 466 -7.02 -1.40 -16.01
CA ARG A 466 -5.71 -0.80 -15.80
C ARG A 466 -4.87 -1.57 -14.77
N LEU A 467 -5.46 -1.92 -13.61
CA LEU A 467 -4.73 -2.59 -12.52
C LEU A 467 -4.53 -4.08 -12.66
N HIS A 468 -5.49 -4.77 -13.28
CA HIS A 468 -5.51 -6.25 -13.42
C HIS A 468 -5.47 -6.82 -14.82
N GLY A 469 -5.81 -6.01 -15.83
CA GLY A 469 -5.87 -6.49 -17.19
C GLY A 469 -7.27 -6.95 -17.56
N LEU A 470 -7.48 -7.14 -18.86
CA LEU A 470 -8.77 -7.56 -19.40
C LEU A 470 -9.19 -8.98 -18.96
N SER A 471 -8.23 -9.84 -18.56
CA SER A 471 -8.51 -11.19 -18.11
C SER A 471 -9.37 -11.20 -16.86
N ALA A 472 -9.26 -10.14 -16.03
CA ALA A 472 -10.05 -10.01 -14.80
C ALA A 472 -11.56 -10.23 -14.99
N PHE A 473 -12.08 -9.95 -16.20
CA PHE A 473 -13.51 -10.09 -16.51
C PHE A 473 -13.87 -11.44 -17.12
N SER A 474 -12.88 -12.27 -17.37
CA SER A 474 -13.16 -13.53 -18.05
C SER A 474 -12.67 -14.76 -17.32
N LEU A 475 -12.24 -14.60 -16.07
CA LEU A 475 -11.70 -15.70 -15.31
C LEU A 475 -12.74 -16.74 -14.95
N HIS A 476 -12.35 -18.01 -15.05
CA HIS A 476 -13.15 -19.16 -14.68
C HIS A 476 -12.18 -20.24 -14.26
N SER A 477 -12.68 -21.43 -13.87
CA SER A 477 -11.84 -22.57 -13.45
C SER A 477 -10.88 -22.22 -12.31
N TYR A 478 -11.44 -21.59 -11.30
CA TYR A 478 -10.73 -21.24 -10.07
C TYR A 478 -10.33 -22.52 -9.31
N SER A 479 -9.24 -22.46 -8.53
CA SER A 479 -8.78 -23.59 -7.76
C SER A 479 -9.81 -24.06 -6.69
N PRO A 480 -10.11 -25.39 -6.61
CA PRO A 480 -11.05 -25.90 -5.59
C PRO A 480 -10.81 -25.41 -4.15
N GLY A 481 -9.54 -25.32 -3.74
CA GLY A 481 -9.16 -24.81 -2.41
C GLY A 481 -9.56 -23.36 -2.19
N GLU A 482 -9.41 -22.52 -3.25
CA GLU A 482 -9.80 -21.12 -3.21
C GLU A 482 -11.32 -21.04 -3.10
N ILE A 483 -12.04 -21.83 -3.96
CA ILE A 483 -13.49 -21.86 -3.95
C ILE A 483 -13.99 -22.31 -2.56
N ASN A 484 -13.36 -23.36 -1.99
CA ASN A 484 -13.71 -23.89 -0.69
C ASN A 484 -13.51 -22.90 0.43
N ARG A 485 -12.44 -22.10 0.36
CA ARG A 485 -12.24 -21.06 1.37
C ARG A 485 -13.42 -20.06 1.31
N VAL A 486 -13.82 -19.60 0.10
CA VAL A 486 -14.94 -18.69 -0.12
C VAL A 486 -16.25 -19.35 0.34
N ALA A 487 -16.58 -20.55 -0.18
CA ALA A 487 -17.81 -21.29 0.13
C ALA A 487 -18.00 -21.54 1.62
N SER A 488 -16.93 -22.03 2.32
CA SER A 488 -17.05 -22.32 3.74
C SER A 488 -17.19 -21.06 4.56
N CYS A 489 -16.63 -19.96 4.05
CA CYS A 489 -16.72 -18.65 4.64
C CYS A 489 -18.18 -18.13 4.57
N LEU A 490 -18.87 -18.36 3.44
CA LEU A 490 -20.25 -17.95 3.26
C LEU A 490 -21.16 -18.70 4.21
N ARG A 491 -20.93 -20.04 4.37
CA ARG A 491 -21.70 -20.88 5.31
C ARG A 491 -21.56 -20.39 6.77
N LYS A 492 -20.32 -20.05 7.17
CA LYS A 492 -19.93 -19.57 8.50
C LYS A 492 -20.58 -18.22 8.83
N LEU A 493 -20.73 -17.32 7.81
CA LEU A 493 -21.27 -15.97 8.01
C LEU A 493 -22.76 -15.86 7.72
N GLY A 494 -23.38 -16.92 7.25
CA GLY A 494 -24.81 -16.89 6.93
C GLY A 494 -25.12 -16.17 5.63
N VAL A 495 -24.14 -16.13 4.74
CA VAL A 495 -24.27 -15.47 3.46
C VAL A 495 -24.83 -16.51 2.47
N PRO A 496 -25.76 -16.15 1.55
CA PRO A 496 -26.24 -17.12 0.57
C PRO A 496 -25.09 -17.74 -0.26
N PRO A 497 -25.25 -19.00 -0.70
CA PRO A 497 -24.18 -19.63 -1.51
C PRO A 497 -23.99 -18.99 -2.89
N LEU A 498 -22.90 -19.35 -3.54
CA LEU A 498 -22.51 -18.82 -4.84
C LEU A 498 -23.59 -18.96 -5.93
N ARG A 499 -24.39 -20.05 -5.94
CA ARG A 499 -25.50 -20.22 -6.92
C ARG A 499 -26.53 -19.09 -6.82
N VAL A 500 -26.80 -18.59 -5.58
CA VAL A 500 -27.74 -17.48 -5.33
C VAL A 500 -27.20 -16.20 -5.94
N TRP A 501 -25.91 -15.94 -5.75
CA TRP A 501 -25.25 -14.75 -6.29
C TRP A 501 -25.30 -14.70 -7.80
N ARG A 502 -25.21 -15.86 -8.49
CA ARG A 502 -25.32 -15.91 -9.97
C ARG A 502 -26.72 -15.46 -10.39
N HIS A 503 -27.77 -15.96 -9.73
CA HIS A 503 -29.15 -15.57 -10.01
C HIS A 503 -29.34 -14.04 -9.80
N ARG A 504 -28.84 -13.51 -8.66
CA ARG A 504 -28.94 -12.09 -8.37
C ARG A 504 -28.17 -11.22 -9.40
N ALA A 505 -26.97 -11.65 -9.81
CA ALA A 505 -26.14 -10.95 -10.79
C ALA A 505 -26.77 -10.86 -12.17
N ARG A 506 -27.53 -11.88 -12.59
CA ARG A 506 -28.20 -11.85 -13.90
C ARG A 506 -29.25 -10.72 -13.92
N SER A 507 -29.90 -10.51 -12.78
CA SER A 507 -30.90 -9.47 -12.65
C SER A 507 -30.22 -8.10 -12.55
N VAL A 508 -29.10 -8.00 -11.81
CA VAL A 508 -28.34 -6.74 -11.67
C VAL A 508 -27.79 -6.31 -13.05
N ARG A 509 -27.21 -7.27 -13.81
CA ARG A 509 -26.66 -7.07 -15.14
C ARG A 509 -27.71 -6.55 -16.10
N ALA A 510 -28.92 -7.15 -16.06
CA ALA A 510 -30.05 -6.78 -16.91
C ALA A 510 -30.42 -5.33 -16.70
N ARG A 511 -30.58 -4.92 -15.44
CA ARG A 511 -30.94 -3.54 -15.09
C ARG A 511 -29.87 -2.55 -15.51
N LEU A 512 -28.57 -2.94 -15.40
CA LEU A 512 -27.46 -2.07 -15.77
C LEU A 512 -27.46 -1.88 -17.27
N LEU A 513 -27.60 -2.98 -18.05
CA LEU A 513 -27.65 -2.94 -19.50
C LEU A 513 -28.72 -1.99 -20.01
N SER A 514 -29.91 -2.06 -19.42
CA SER A 514 -31.02 -1.21 -19.84
C SER A 514 -30.76 0.31 -19.65
N GLN A 515 -29.86 0.68 -18.71
CA GLN A 515 -29.52 2.08 -18.43
C GLN A 515 -28.56 2.72 -19.43
N GLY A 516 -27.92 1.90 -20.27
CA GLY A 516 -26.98 2.41 -21.26
C GLY A 516 -25.76 3.07 -20.64
N GLY A 517 -24.93 3.69 -21.50
CA GLY A 517 -23.69 4.37 -21.11
C GLY A 517 -22.77 3.53 -20.26
N ARG A 518 -22.14 4.18 -19.25
CA ARG A 518 -21.21 3.52 -18.35
C ARG A 518 -21.88 2.40 -17.59
N ALA A 519 -23.17 2.58 -17.17
CA ALA A 519 -23.95 1.55 -16.46
C ALA A 519 -24.03 0.27 -17.28
N ALA A 520 -24.23 0.38 -18.61
CA ALA A 520 -24.27 -0.82 -19.44
C ALA A 520 -22.88 -1.45 -19.59
N THR A 521 -21.81 -0.64 -19.53
CA THR A 521 -20.43 -1.17 -19.62
C THR A 521 -20.13 -1.97 -18.38
N CYS A 522 -20.66 -1.51 -17.21
CA CYS A 522 -20.57 -2.21 -15.92
C CYS A 522 -21.30 -3.56 -16.05
N GLY A 523 -22.50 -3.55 -16.60
CA GLY A 523 -23.27 -4.76 -16.85
C GLY A 523 -22.51 -5.76 -17.72
N LYS A 524 -22.04 -5.32 -18.89
CA LYS A 524 -21.29 -6.09 -19.88
C LYS A 524 -19.97 -6.68 -19.35
N TYR A 525 -19.10 -5.86 -18.76
CA TYR A 525 -17.78 -6.29 -18.31
C TYR A 525 -17.76 -6.95 -16.95
N LEU A 526 -18.39 -6.35 -15.95
CA LEU A 526 -18.35 -6.86 -14.59
C LEU A 526 -19.15 -8.11 -14.36
N PHE A 527 -20.25 -8.29 -15.10
CA PHE A 527 -21.14 -9.42 -14.87
C PHE A 527 -21.19 -10.39 -16.01
N ASN A 528 -20.15 -10.42 -16.84
CA ASN A 528 -20.08 -11.38 -17.94
C ASN A 528 -19.97 -12.85 -17.43
N TRP A 529 -19.46 -13.03 -16.19
CA TRP A 529 -19.37 -14.32 -15.52
C TRP A 529 -20.76 -14.89 -15.24
N ALA A 530 -21.78 -14.01 -15.08
CA ALA A 530 -23.12 -14.43 -14.70
C ALA A 530 -24.00 -14.98 -15.85
N VAL A 531 -23.66 -14.71 -17.12
CA VAL A 531 -24.46 -15.18 -18.25
C VAL A 531 -23.89 -16.42 -18.92
N ARG A 532 -24.77 -17.29 -19.49
CA ARG A 532 -24.35 -18.51 -20.21
C ARG A 532 -23.73 -18.13 -21.56
N THR A 533 -24.44 -17.28 -22.34
CA THR A 533 -24.00 -16.79 -23.65
C THR A 533 -23.23 -15.50 -23.40
N LYS A 534 -21.93 -15.68 -23.27
CA LYS A 534 -21.00 -14.61 -22.96
C LYS A 534 -20.71 -13.70 -24.14
N LEU A 535 -20.56 -12.40 -23.84
CA LEU A 535 -20.18 -11.36 -24.82
C LEU A 535 -18.64 -11.44 -25.03
N LYS A 536 -18.15 -11.04 -26.22
CA LYS A 536 -16.72 -11.14 -26.61
C LYS A 536 -15.74 -10.47 -25.62
N LEU A 537 -15.93 -9.15 -25.33
CA LEU A 537 -15.12 -8.37 -24.36
C LEU A 537 -13.77 -7.95 -24.92
N THR A 538 -13.74 -6.74 -25.47
CA THR A 538 -12.56 -6.14 -26.07
C THR A 538 -12.00 -5.15 -25.07
N PRO A 539 -10.72 -4.75 -25.17
CA PRO A 539 -10.21 -3.76 -24.20
C PRO A 539 -10.95 -2.43 -24.27
N ILE A 540 -11.25 -1.84 -23.10
CA ILE A 540 -11.89 -0.54 -22.94
C ILE A 540 -10.78 0.48 -23.26
N PRO A 541 -10.94 1.29 -24.33
CA PRO A 541 -9.86 2.20 -24.72
C PRO A 541 -9.68 3.43 -23.83
N ALA A 542 -8.41 3.76 -23.52
CA ALA A 542 -8.02 4.92 -22.72
C ALA A 542 -8.07 6.17 -23.61
N ALA A 543 -8.31 7.39 -23.03
CA ALA A 543 -8.39 8.66 -23.77
C ALA A 543 -7.15 8.95 -24.64
N SER A 544 -5.94 8.58 -24.15
CA SER A 544 -4.67 8.76 -24.87
C SER A 544 -4.57 7.84 -26.11
N GLN A 545 -5.27 6.68 -26.12
CA GLN A 545 -5.31 5.77 -27.25
C GLN A 545 -6.25 6.30 -28.37
N LEU A 546 -7.38 6.90 -27.94
CA LEU A 546 -8.43 7.54 -28.75
C LEU A 546 -7.91 8.85 -29.39
N ASP A 547 -6.81 9.40 -28.81
CA ASP A 547 -6.08 10.61 -29.22
C ASP A 547 -6.89 11.92 -29.01
N LEU A 548 -7.63 12.00 -27.90
CA LEU A 548 -8.36 13.23 -27.57
C LEU A 548 -8.35 13.54 -26.08
N SER A 549 -8.86 14.73 -25.73
CA SER A 549 -8.96 15.25 -24.37
C SER A 549 -9.97 14.46 -23.54
N SER A 550 -9.65 14.29 -22.24
CA SER A 550 -10.48 13.63 -21.23
C SER A 550 -11.87 14.32 -21.07
N TRP A 551 -11.99 15.59 -21.54
CA TRP A 551 -13.24 16.36 -21.50
C TRP A 551 -14.32 15.78 -22.40
N PHE A 552 -13.91 15.12 -23.49
CA PHE A 552 -14.84 14.47 -24.42
C PHE A 552 -15.02 12.98 -24.12
N VAL A 553 -14.34 12.44 -23.09
CA VAL A 553 -14.44 11.03 -22.70
C VAL A 553 -15.18 10.87 -21.37
N ALA A 554 -16.26 10.07 -21.35
CA ALA A 554 -17.07 9.79 -20.17
C ALA A 554 -16.28 9.01 -19.11
N GLY A 555 -16.40 9.47 -17.86
CA GLY A 555 -15.73 8.92 -16.68
C GLY A 555 -14.22 8.99 -16.68
N TYR A 556 -13.57 7.97 -16.06
CA TYR A 556 -12.11 7.85 -15.94
C TYR A 556 -11.49 7.64 -17.34
N SER A 557 -10.78 8.68 -17.82
CA SER A 557 -10.17 8.75 -19.17
C SER A 557 -8.63 8.66 -19.20
N GLY A 558 -7.96 9.29 -18.24
CA GLY A 558 -6.50 9.30 -18.13
C GLY A 558 -5.96 10.49 -17.36
N GLY A 559 -6.63 10.80 -16.23
CA GLY A 559 -6.28 11.88 -15.34
C GLY A 559 -6.45 11.51 -13.88
C1 2N7 B . -27.48 -11.76 2.47
C2 2N7 B . -26.77 -10.96 1.57
C3 2N7 B . -25.51 -10.48 1.89
C4 2N7 B . -26.93 -12.03 3.73
C5 2N7 B . -25.68 -11.53 4.04
C6 2N7 B . -24.95 -10.74 3.13
C7 2N7 B . -23.70 -10.37 3.78
C8 2N7 B . -23.70 -10.96 5.05
N9 2N7 B . -24.93 -11.69 5.20
C10 2N7 B . -25.33 -12.41 6.39
C11 2N7 B . -22.64 -9.48 3.25
C12 2N7 B . -23.21 -8.12 2.86
C13 2N7 B . -22.14 -7.22 2.26
C14 2N7 B . -21.48 -7.87 1.04
C15 2N7 B . -20.90 -9.20 1.42
C16 2N7 B . -21.96 -10.12 2.02
C17 2N7 B . -23.17 -10.60 7.47
C18 2N7 B . -22.73 -10.87 6.16
C19 2N7 B . -21.37 -11.07 5.91
C20 2N7 B . -20.44 -10.99 6.94
C21 2N7 B . -20.88 -10.72 8.24
C22 2N7 B . -22.23 -10.51 8.49
O23 2N7 B . -19.90 -10.72 9.19
C24 2N7 B . -20.26 -10.45 10.55
C25 2N7 B . -25.71 -11.37 7.40
C26 2N7 B . -24.58 -10.45 7.91
C27 2N7 B . -25.16 -11.52 8.78
C28 2N7 B . -27.14 -10.78 7.22
N30 2N7 B . -27.36 -9.57 6.65
O31 2N7 B . -28.07 -11.52 7.50
C32 2N7 B . -28.65 -8.87 6.50
C33 2N7 B . -28.60 -7.52 7.19
N34 2N7 B . -27.54 -6.64 6.71
C35 2N7 B . -26.26 -7.33 6.62
C36 2N7 B . -26.47 -8.65 5.89
C37 2N7 B . -28.72 -8.73 4.98
C38 2N7 B . -27.27 -8.41 4.58
C39 2N7 B . -27.42 -5.45 7.57
C40 2N7 B . -28.83 -12.26 2.05
O41 2N7 B . -29.38 -11.85 1.02
N42 2N7 B . -29.48 -13.14 2.90
S43 2N7 B . -31.00 -13.86 2.75
N44 2N7 B . -32.04 -12.60 3.05
O45 2N7 B . -31.13 -14.83 3.80
O46 2N7 B . -31.11 -14.28 1.39
C47 2N7 B . -32.86 -12.09 1.95
C48 2N7 B . -31.67 -11.59 4.07
H49 2N7 B . -27.20 -10.71 0.60
H50 2N7 B . -24.95 -9.92 1.15
H51 2N7 B . -27.46 -12.58 4.51
H52 2N7 B . -24.50 -13.02 6.73
H53 2N7 B . -26.14 -13.11 6.17
H54 2N7 B . -21.88 -9.28 4.00
H55 2N7 B . -24.04 -8.19 2.15
H56 2N7 B . -23.65 -7.65 3.74
H57 2N7 B . -22.55 -6.24 2.01
H58 2N7 B . -21.38 -7.03 3.02
H59 2N7 B . -22.22 -7.99 0.25
H60 2N7 B . -20.73 -7.21 0.63
H61 2N7 B . -20.40 -9.66 0.57
H62 2N7 B . -20.10 -9.04 2.15
H63 2N7 B . -21.52 -11.07 2.29
H64 2N7 B . -22.69 -10.37 1.26
H65 2N7 B . -21.04 -11.29 4.90
H66 2N7 B . -19.40 -11.14 6.68
H67 2N7 B . -22.58 -10.27 9.50
H68 2N7 B . -19.31 -10.50 11.06
H69 2N7 B . -20.92 -11.21 10.97
H70 2N7 B . -20.69 -9.46 10.69
H29 2N7 B . -24.82 -9.42 8.12
H71 2N7 B . -24.57 -12.39 9.05
H72 2N7 B . -25.77 -11.25 9.64
H73 2N7 B . -29.49 -9.44 6.89
H74 2N7 B . -29.55 -7.02 7.03
H75 2N7 B . -28.58 -7.68 8.27
H76 2N7 B . -25.56 -6.72 6.07
H77 2N7 B . -25.77 -7.51 7.58
H78 2N7 B . -25.50 -9.08 5.67
H79 2N7 B . -29.09 -9.64 4.50
H80 2N7 B . -29.41 -7.95 4.66
H81 2N7 B . -27.15 -7.41 4.19
H82 2N7 B . -26.95 -9.06 3.77
H83 2N7 B . -26.98 -5.72 8.52
H84 2N7 B . -28.34 -4.92 7.79
H85 2N7 B . -26.74 -4.73 7.11
H86 2N7 B . -28.95 -13.46 3.72
H87 2N7 B . -33.62 -11.37 2.29
H88 2N7 B . -33.43 -12.88 1.47
H89 2N7 B . -32.28 -11.58 1.19
H90 2N7 B . -32.54 -11.17 4.56
H91 2N7 B . -31.11 -10.77 3.64
H92 2N7 B . -31.05 -12.04 4.86
C1 2N5 C . 0.34 -5.40 -1.87
C2 2N5 C . -0.83 -6.20 -2.08
C3 2N5 C . -0.73 -7.59 -2.08
C4 2N5 C . 1.58 -6.00 -1.66
C5 2N5 C . 1.67 -7.38 -1.69
C6 2N5 C . 0.52 -8.14 -1.90
O7 2N5 C . 0.83 -9.48 -1.95
C8 2N5 C . 2.20 -9.57 -1.78
C9 2N5 C . 2.75 -8.33 -1.62
C10 2N5 C . 4.14 -7.91 -1.40
N11 2N5 C . 4.81 -8.45 -0.38
C12 2N5 C . 2.72 -10.94 -1.84
O13 2N5 C . 0.17 -4.06 -2.12
N14 2N5 C . -2.07 -5.53 -2.31
C15 2N5 C . 0.57 -3.03 -1.17
C16 2N5 C . 1.11 -3.45 0.19
C17 2N5 C . 1.49 -2.19 -1.96
C18 2N5 C . 1.90 -12.01 -1.50
C19 2N5 C . 2.36 -13.31 -1.59
C20 2N5 C . 3.64 -13.52 -2.01
C21 2N5 C . 4.49 -12.51 -2.34
C22 2N5 C . 4.02 -11.20 -2.25
F23 2N5 C . 4.05 -14.79 -2.17
O24 2N5 C . 4.62 -7.07 -2.16
C25 2N5 C . 6.19 -8.13 -0.11
S26 2N5 C . -3.05 -5.75 -3.59
C27 2N5 C . -4.01 -7.17 -3.26
O28 2N5 C . -3.91 -4.62 -3.65
O29 2N5 C . -2.20 -6.03 -4.70
H30 2N5 C . -1.59 -8.24 -2.24
H31 2N5 C . 2.47 -5.39 -1.51
H32 2N5 C . 4.35 -9.11 0.25
H33 2N5 C . -2.28 -4.91 -1.54
H34 2N5 C . -0.30 -2.40 -0.97
H35 2N5 C . 2.11 -3.85 0.13
H36 2N5 C . 1.16 -2.62 0.89
H37 2N5 C . 0.50 -4.21 0.67
H38 2N5 C . 1.61 -1.20 -1.52
H39 2N5 C . 1.17 -2.03 -2.99
H40 2N5 C . 2.50 -2.62 -2.02
H41 2N5 C . 0.89 -11.82 -1.15
H42 2N5 C . 1.70 -14.13 -1.29
H43 2N5 C . 5.52 -12.70 -2.62
H44 2N5 C . 4.69 -10.39 -2.53
H45 2N5 C . 6.52 -8.48 0.87
H46 2N5 C . 6.39 -7.05 -0.12
H47 2N5 C . 6.83 -8.58 -0.86
H48 2N5 C . -5.08 -6.98 -3.31
H49 2N5 C . -3.87 -8.01 -3.92
H50 2N5 C . -3.88 -7.60 -2.25
S SO4 D . -4.30 -26.14 -13.79
O1 SO4 D . -3.98 -27.26 -14.70
O2 SO4 D . -5.72 -26.04 -13.56
O3 SO4 D . -3.64 -26.33 -12.50
O4 SO4 D . -3.82 -24.93 -14.40
S SO4 E . -32.80 -14.71 -3.94
O1 SO4 E . -33.65 -15.79 -4.42
O2 SO4 E . -33.54 -13.44 -3.91
O3 SO4 E . -32.31 -15.03 -2.60
O4 SO4 E . -31.68 -14.55 -4.87
S SO4 F . -6.73 -3.23 7.44
O1 SO4 F . -7.27 -4.59 7.18
O2 SO4 F . -6.96 -2.43 6.23
O3 SO4 F . -7.41 -2.56 8.58
O4 SO4 F . -5.31 -3.35 7.75
S SO4 G . -27.86 -16.59 -20.85
O1 SO4 G . -28.32 -17.61 -21.80
O2 SO4 G . -28.86 -15.54 -20.71
O3 SO4 G . -27.57 -17.25 -19.57
O4 SO4 G . -26.65 -15.97 -21.37
C1 BOG H . -23.36 1.78 15.47
O1 BOG H . -22.96 1.18 14.26
C2 BOG H . -22.52 3.04 15.68
O2 BOG H . -21.14 2.69 15.86
C3 BOG H . -23.02 3.83 16.90
O3 BOG H . -22.34 5.08 16.99
C4 BOG H . -24.53 4.05 16.84
O4 BOG H . -24.96 4.55 18.10
C5 BOG H . -25.26 2.75 16.57
O5 BOG H . -24.73 2.12 15.39
C6 BOG H . -26.75 2.90 16.39
O6 BOG H . -27.12 3.92 15.46
C1' BOG H . -23.10 -0.25 14.26
C2' BOG H . -23.24 -0.75 12.83
C3' BOG H . -24.08 -2.02 12.75
C4' BOG H . -23.69 -2.99 11.64
C5' BOG H . -22.78 -4.13 12.11
C6' BOG H . -22.30 -5.17 11.08
C7' BOG H . -23.15 -6.43 10.95
C8' BOG H . -24.40 -6.28 10.09
C1 BOG I . 3.98 -24.24 -15.49
O1 BOG I . 4.70 -23.66 -14.45
C2 BOG I . 4.94 -25.07 -16.35
O2 BOG I . 5.93 -24.23 -16.92
C3 BOG I . 4.16 -25.81 -17.44
O3 BOG I . 5.03 -26.65 -18.18
C4 BOG I . 3.01 -26.62 -16.84
O4 BOG I . 2.22 -27.20 -17.88
C5 BOG I . 2.12 -25.75 -15.94
O5 BOG I . 2.93 -25.07 -14.96
C6 BOG I . 1.08 -26.53 -15.17
O6 BOG I . 0.15 -27.22 -16.00
C1' BOG I . 4.06 -22.56 -13.82
C2' BOG I . 4.97 -22.00 -12.76
C3' BOG I . 4.31 -20.93 -11.91
C4' BOG I . 3.49 -21.50 -10.77
C5' BOG I . 2.86 -20.46 -9.90
C6' BOG I . 2.03 -21.06 -8.81
C7' BOG I . 0.85 -20.22 -8.39
C8' BOG I . -0.10 -20.97 -7.50
#